data_5GIJ
#
_entry.id   5GIJ
#
_cell.length_a   132.921
_cell.length_b   132.921
_cell.length_c   229.842
_cell.angle_alpha   90.000
_cell.angle_beta   90.000
_cell.angle_gamma   120.000
#
_symmetry.space_group_name_H-M   'P 31 2 1'
#
loop_
_entity.id
_entity.type
_entity.pdbx_description
1 polymer 'Leucine-rich repeat receptor-like protein kinase TDR'
2 polymer 'Peptide from CLAVATA3/ESR (CLE)-related protein 41'
3 branched alpha-D-mannopyranose-(1-4)-2-acetamido-2-deoxy-beta-D-glucopyranose-(1-4)-2-acetamido-2-deoxy-beta-D-glucopyranose
4 branched 2-acetamido-2-deoxy-beta-D-glucopyranose-(1-4)-2-acetamido-2-deoxy-beta-D-glucopyranose
5 branched alpha-D-mannopyranose-(1-6)-alpha-D-mannopyranose-(1-4)-2-acetamido-2-deoxy-beta-D-glucopyranose-(1-4)-2-acetamido-2-deoxy-beta-D-glucopyranose
6 branched alpha-D-mannopyranose-(1-6)-alpha-D-mannopyranose-(1-4)-2-acetamido-2-deoxy-beta-D-glucopyranose-(1-4)-[alpha-L-fucopyranose-(1-6)]2-acetamido-2-deoxy-beta-D-glucopyranose
7 non-polymer 2-acetamido-2-deoxy-beta-D-glucopyranose
#
loop_
_entity_poly.entity_id
_entity_poly.type
_entity_poly.pdbx_seq_one_letter_code
_entity_poly.pdbx_strand_id
1 'polypeptide(L)'
;KFSPQLLSLLSLKTSLSGPPSAFQDWKVPVNGQNDAVWCSWSGVVCDNVTAQVISLDLSHRNLSGRIPIQIRYLSSLLYL
NLSGNSLEGSFPTSIFDLTKLTTLDISRNSFDSSFPPGISKLKFLKVFNAFSNNFEGLLPSDVSRLRFLEELNFGGSYFE
GEIPAAYGGLQRLKFIHLAGNVLGGKLPPRLGLLTELQHMEIGYNHFNGNIPSEFALLSNLKYFDVSNASLSGSLPQELG
NLSNLETLFLFQNGFTGEIPESYSNLKSLKLLDFSSNQLSGSIPSGFSTLKNLTWLSLISNNLSGEVPEGIGELPELTTL
FLWNNNFTGVLPHKLGSNGKLETMDVSNNSFTGTIPSSLCHGNKLYKLILFSNMFEGELPKSLTRCESLWRFRSQNNRLN
GTIPIGFGSLRNLTFVDLSNNRFTDQIPADFATAPVLQYLNLSTNFFHRKLPENIWKAPNLQIFSASFSNLIGEIPNYVG
CKSFYRIELQGNSLNGTIPWDIGHCEKLLSLNLSQNHLNGIIPWEISTLPSIADVDLSHNLLTGTIPSDFGSSKTITTFN
VSYNQLIGPIPSGSFAHLNPSFFSSNEGLCGDLVGKPCNSDSGLEVL
;
B
2 'polypeptide(L)' HEV(HYP)SG(HYP)NPISN D
#
# COMPACT_ATOMS: atom_id res chain seq x y z
N LYS A 1 -4.53 62.71 -1.97
CA LYS A 1 -3.95 61.87 -0.93
C LYS A 1 -2.87 60.95 -1.48
N PHE A 2 -1.98 60.47 -0.61
CA PHE A 2 -1.02 59.44 -0.94
C PHE A 2 -1.40 58.19 -0.16
N SER A 3 -1.86 57.12 -0.86
CA SER A 3 -2.28 55.96 -0.09
C SER A 3 -1.17 54.92 -0.07
N PRO A 4 -0.52 54.70 1.06
CA PRO A 4 0.40 53.59 1.16
C PRO A 4 -0.25 52.26 0.80
N GLN A 5 -1.50 52.09 1.24
CA GLN A 5 -2.28 50.90 0.96
C GLN A 5 -2.32 50.61 -0.54
N LEU A 6 -2.53 51.65 -1.34
CA LEU A 6 -2.60 51.46 -2.78
C LEU A 6 -1.21 51.21 -3.37
N LEU A 7 -0.18 51.92 -2.88
CA LEU A 7 1.17 51.67 -3.36
C LEU A 7 1.59 50.24 -3.10
N SER A 8 1.26 49.75 -1.91
CA SER A 8 1.60 48.38 -1.52
C SER A 8 0.91 47.38 -2.45
N LEU A 9 -0.41 47.46 -2.55
CA LEU A 9 -1.15 46.47 -3.35
C LEU A 9 -0.71 46.48 -4.82
N LEU A 10 -0.53 47.66 -5.40
CA LEU A 10 -0.14 47.74 -6.82
C LEU A 10 1.30 47.27 -7.02
N SER A 11 2.18 47.51 -6.04
CA SER A 11 3.50 46.89 -6.12
C SER A 11 3.36 45.38 -6.21
N LEU A 12 2.51 44.81 -5.35
CA LEU A 12 2.24 43.37 -5.37
C LEU A 12 1.78 42.90 -6.76
N LYS A 13 0.85 43.65 -7.37
CA LYS A 13 0.29 43.28 -8.67
C LYS A 13 1.35 43.26 -9.78
N THR A 14 2.25 44.25 -9.80
CA THR A 14 3.28 44.29 -10.82
C THR A 14 4.40 43.32 -10.54
N SER A 15 4.69 43.05 -9.26
CA SER A 15 5.86 42.24 -8.93
C SER A 15 5.59 40.74 -9.06
N LEU A 16 4.35 40.30 -8.86
CA LEU A 16 4.00 38.90 -8.97
C LEU A 16 3.39 38.63 -10.35
N SER A 17 3.94 37.65 -11.05
CA SER A 17 3.58 37.38 -12.44
C SER A 17 2.68 36.16 -12.49
N GLY A 18 1.47 36.33 -13.02
CA GLY A 18 0.54 35.24 -13.17
C GLY A 18 -0.39 35.40 -14.35
N PRO A 19 -1.29 34.45 -14.55
CA PRO A 19 -2.26 34.57 -15.64
C PRO A 19 -3.18 35.76 -15.42
N PRO A 20 -3.91 36.16 -16.45
CA PRO A 20 -4.93 37.21 -16.27
C PRO A 20 -5.87 36.97 -15.10
N SER A 21 -6.27 35.72 -14.85
CA SER A 21 -7.27 35.43 -13.82
C SER A 21 -6.89 36.00 -12.46
N ALA A 22 -5.61 36.35 -12.28
CA ALA A 22 -5.07 36.68 -10.97
C ALA A 22 -5.46 38.09 -10.55
N PHE A 23 -4.81 39.06 -11.16
CA PHE A 23 -4.95 40.45 -10.78
C PHE A 23 -5.89 41.26 -11.68
N GLN A 24 -6.53 40.62 -12.68
CA GLN A 24 -7.49 41.34 -13.52
C GLN A 24 -8.55 42.03 -12.68
N ASP A 25 -8.90 41.45 -11.54
CA ASP A 25 -9.93 42.03 -10.68
C ASP A 25 -9.52 43.38 -10.09
N TRP A 26 -8.21 43.68 -9.99
CA TRP A 26 -7.71 44.84 -9.22
C TRP A 26 -7.50 46.02 -10.17
N LYS A 27 -8.40 47.00 -10.09
CA LYS A 27 -8.42 48.10 -11.07
C LYS A 27 -8.86 49.38 -10.37
N VAL A 28 -8.35 50.51 -10.84
CA VAL A 28 -8.67 51.79 -10.22
C VAL A 28 -9.43 52.63 -11.26
N PRO A 29 -10.72 52.86 -11.06
CA PRO A 29 -11.50 53.68 -11.99
C PRO A 29 -11.21 55.16 -11.78
N VAL A 30 -11.66 56.00 -12.73
CA VAL A 30 -11.45 57.45 -12.63
C VAL A 30 -12.62 58.18 -11.90
N ASP A 35 -11.82 56.43 -3.94
CA ASP A 35 -12.82 56.17 -2.90
C ASP A 35 -12.61 54.79 -2.23
N ALA A 36 -11.45 54.59 -1.61
CA ALA A 36 -11.09 53.33 -0.94
C ALA A 36 -11.33 52.12 -1.84
N VAL A 37 -10.62 52.14 -2.98
CA VAL A 37 -11.04 51.33 -4.12
C VAL A 37 -10.64 49.87 -3.99
N TRP A 38 -9.63 49.55 -3.17
CA TRP A 38 -9.05 48.21 -3.15
C TRP A 38 -9.90 47.20 -2.40
N CYS A 39 -10.80 47.63 -1.51
CA CYS A 39 -11.56 46.67 -0.71
C CYS A 39 -12.43 45.73 -1.55
N SER A 40 -12.77 46.11 -2.77
CA SER A 40 -13.56 45.24 -3.65
C SER A 40 -12.71 44.23 -4.41
N TRP A 41 -11.40 44.21 -4.18
CA TRP A 41 -10.50 43.36 -4.92
C TRP A 41 -10.45 41.94 -4.35
N SER A 42 -10.06 41.01 -5.23
CA SER A 42 -10.02 39.58 -4.91
C SER A 42 -9.14 39.35 -3.69
N GLY A 43 -9.70 38.72 -2.67
CA GLY A 43 -8.87 38.37 -1.54
C GLY A 43 -8.31 39.51 -0.76
N VAL A 44 -8.80 40.73 -0.98
CA VAL A 44 -8.45 41.90 -0.17
C VAL A 44 -9.63 42.21 0.74
N VAL A 45 -9.38 42.20 2.04
CA VAL A 45 -10.40 42.41 3.05
C VAL A 45 -10.01 43.63 3.85
N CYS A 46 -10.80 44.70 3.72
CA CYS A 46 -10.55 45.92 4.48
C CYS A 46 -11.11 45.84 5.90
N ASP A 47 -10.55 46.68 6.77
CA ASP A 47 -11.17 46.99 8.05
C ASP A 47 -12.41 47.85 7.81
N ASN A 48 -13.54 47.45 8.43
CA ASN A 48 -14.79 48.18 8.28
C ASN A 48 -14.61 49.68 8.54
N VAL A 49 -13.72 50.04 9.45
CA VAL A 49 -13.55 51.41 9.92
C VAL A 49 -12.45 52.12 9.14
N THR A 50 -11.21 51.63 9.24
CA THR A 50 -10.02 52.38 8.82
C THR A 50 -9.72 52.27 7.33
N ALA A 51 -10.29 51.30 6.64
CA ALA A 51 -10.03 50.97 5.23
C ALA A 51 -8.61 50.48 4.99
N GLN A 52 -7.94 49.99 6.05
CA GLN A 52 -6.63 49.37 5.93
C GLN A 52 -6.82 47.89 5.65
N VAL A 53 -5.90 47.30 4.89
CA VAL A 53 -6.07 45.90 4.55
C VAL A 53 -5.74 45.07 5.79
N ILE A 54 -6.72 44.33 6.30
CA ILE A 54 -6.47 43.41 7.41
C ILE A 54 -6.26 41.97 6.96
N SER A 55 -6.61 41.62 5.73
CA SER A 55 -6.40 40.27 5.22
C SER A 55 -6.06 40.32 3.73
N LEU A 56 -5.05 39.55 3.32
CA LEU A 56 -4.70 39.40 1.91
C LEU A 56 -4.55 37.91 1.60
N ASP A 57 -5.44 37.38 0.75
CA ASP A 57 -5.36 35.98 0.33
C ASP A 57 -4.94 35.96 -1.14
N LEU A 58 -3.68 35.62 -1.38
CA LEU A 58 -3.11 35.51 -2.72
C LEU A 58 -2.94 34.08 -3.19
N SER A 59 -3.47 33.10 -2.45
CA SER A 59 -3.11 31.70 -2.64
C SER A 59 -3.65 31.12 -3.94
N HIS A 60 -2.96 30.09 -4.44
CA HIS A 60 -3.38 29.29 -5.59
C HIS A 60 -3.85 30.15 -6.78
N ARG A 61 -3.04 31.14 -7.13
CA ARG A 61 -3.09 31.79 -8.45
C ARG A 61 -1.69 31.63 -9.00
N ASN A 62 -1.50 30.79 -10.02
CA ASN A 62 -0.12 30.45 -10.36
C ASN A 62 0.61 31.76 -10.50
N LEU A 63 1.56 32.02 -9.62
CA LEU A 63 2.21 33.31 -9.73
C LEU A 63 3.62 33.21 -9.19
N SER A 64 4.52 33.90 -9.88
CA SER A 64 5.95 33.86 -9.68
C SER A 64 6.45 35.29 -9.56
N GLY A 65 7.75 35.42 -9.38
CA GLY A 65 8.29 36.71 -9.02
C GLY A 65 8.64 36.77 -7.55
N ARG A 66 8.96 37.97 -7.10
CA ARG A 66 9.42 38.20 -5.75
C ARG A 66 8.46 39.13 -5.03
N ILE A 67 8.30 38.92 -3.73
CA ILE A 67 7.46 39.87 -3.01
C ILE A 67 8.15 41.23 -2.99
N PRO A 68 7.46 42.34 -3.26
CA PRO A 68 8.10 43.64 -3.22
C PRO A 68 8.27 44.15 -1.80
N ILE A 69 9.32 44.94 -1.58
CA ILE A 69 9.55 45.45 -0.24
C ILE A 69 8.39 46.33 0.20
N GLN A 70 7.58 46.83 -0.74
CA GLN A 70 6.46 47.69 -0.36
C GLN A 70 5.37 46.97 0.42
N ILE A 71 5.44 45.65 0.56
CA ILE A 71 4.41 44.92 1.28
C ILE A 71 4.34 45.37 2.74
N ARG A 72 5.41 45.97 3.25
CA ARG A 72 5.48 46.45 4.62
C ARG A 72 4.53 47.62 4.88
N TYR A 73 3.96 48.21 3.85
CA TYR A 73 3.04 49.32 4.07
C TYR A 73 1.64 48.86 4.45
N LEU A 74 1.37 47.54 4.49
CA LEU A 74 0.04 47.10 4.94
C LEU A 74 0.25 46.77 6.40
N SER A 75 0.13 47.78 7.23
CA SER A 75 0.62 47.64 8.58
C SER A 75 -0.46 47.14 9.50
N SER A 76 -1.70 47.09 9.02
CA SER A 76 -2.81 46.56 9.77
C SER A 76 -3.10 45.11 9.42
N LEU A 77 -2.25 44.47 8.61
CA LEU A 77 -2.52 43.13 8.09
C LEU A 77 -2.47 42.13 9.23
N LEU A 78 -3.57 41.40 9.44
CA LEU A 78 -3.57 40.27 10.36
C LEU A 78 -3.31 38.92 9.70
N TYR A 79 -3.58 38.79 8.40
CA TYR A 79 -3.69 37.50 7.74
C TYR A 79 -3.03 37.61 6.37
N LEU A 80 -2.03 36.80 6.11
CA LEU A 80 -1.38 36.77 4.80
C LEU A 80 -1.27 35.32 4.36
N ASN A 81 -1.87 34.99 3.22
CA ASN A 81 -1.80 33.64 2.63
C ASN A 81 -1.21 33.74 1.23
N LEU A 82 0.04 33.31 1.07
CA LEU A 82 0.70 33.17 -0.23
C LEU A 82 0.72 31.71 -0.71
N SER A 83 0.00 30.81 -0.05
CA SER A 83 0.14 29.36 -0.21
C SER A 83 -0.11 28.89 -1.64
N GLY A 84 0.59 27.81 -2.01
CA GLY A 84 0.29 27.12 -3.25
C GLY A 84 0.55 27.96 -4.48
N ASN A 85 1.78 28.43 -4.59
CA ASN A 85 2.25 29.19 -5.74
C ASN A 85 3.55 28.62 -6.25
N SER A 86 4.12 29.32 -7.21
CA SER A 86 5.43 29.08 -7.79
C SER A 86 6.51 30.03 -7.26
N LEU A 87 6.21 30.78 -6.19
CA LEU A 87 7.15 31.75 -5.63
C LEU A 87 8.48 31.09 -5.26
N GLU A 88 9.57 31.81 -5.45
CA GLU A 88 10.92 31.25 -5.47
C GLU A 88 11.93 32.21 -4.83
N GLY A 89 13.12 31.66 -4.53
CA GLY A 89 14.18 32.43 -3.93
C GLY A 89 14.12 32.51 -2.41
N SER A 90 15.11 33.22 -1.85
CA SER A 90 15.19 33.45 -0.42
C SER A 90 13.86 33.97 0.14
N PHE A 91 13.51 33.57 1.35
CA PHE A 91 12.30 34.12 1.94
C PHE A 91 12.48 35.61 2.17
N PRO A 92 11.56 36.45 1.68
CA PRO A 92 11.72 37.90 1.84
C PRO A 92 11.49 38.35 3.27
N THR A 93 12.47 39.05 3.84
CA THR A 93 12.37 39.64 5.16
C THR A 93 11.32 40.74 5.24
N SER A 94 10.89 41.22 4.08
CA SER A 94 9.88 42.27 3.99
C SER A 94 8.68 41.90 4.85
N ILE A 95 8.33 40.60 4.86
CA ILE A 95 7.15 40.09 5.57
C ILE A 95 7.24 40.40 7.05
N PHE A 96 8.44 40.31 7.63
CA PHE A 96 8.60 40.46 9.07
C PHE A 96 8.28 41.85 9.57
N ASP A 97 8.04 42.80 8.67
CA ASP A 97 7.66 44.13 9.08
C ASP A 97 6.17 44.30 9.26
N LEU A 98 5.36 43.27 8.97
CA LEU A 98 3.93 43.39 9.19
C LEU A 98 3.68 42.89 10.58
N THR A 99 3.64 43.77 11.56
CA THR A 99 3.81 43.28 12.91
C THR A 99 2.50 43.01 13.61
N LYS A 100 1.37 43.33 12.99
CA LYS A 100 0.10 42.93 13.56
C LYS A 100 -0.29 41.52 13.11
N LEU A 101 0.55 40.88 12.30
CA LEU A 101 0.23 39.61 11.66
C LEU A 101 -0.05 38.53 12.71
N THR A 102 -0.95 37.62 12.34
CA THR A 102 -1.44 36.55 13.19
C THR A 102 -1.23 35.19 12.55
N THR A 103 -1.78 34.96 11.34
CA THR A 103 -1.47 33.76 10.59
C THR A 103 -0.71 34.13 9.31
N LEU A 104 0.34 33.36 9.00
CA LEU A 104 1.16 33.54 7.81
C LEU A 104 1.33 32.17 7.16
N ASP A 105 0.86 32.02 5.91
CA ASP A 105 0.94 30.75 5.19
C ASP A 105 1.85 30.89 3.96
N ILE A 106 3.02 30.26 4.04
CA ILE A 106 4.05 30.26 3.01
C ILE A 106 4.06 28.97 2.19
N SER A 107 3.12 28.05 2.44
CA SER A 107 3.27 26.65 2.08
C SER A 107 3.15 26.40 0.57
N ARG A 108 3.68 25.25 0.16
CA ARG A 108 3.51 24.77 -1.22
C ARG A 108 4.05 25.76 -2.25
N ASN A 109 5.11 26.47 -1.84
CA ASN A 109 5.96 27.29 -2.68
C ASN A 109 7.34 26.66 -2.78
N SER A 110 8.23 27.30 -3.55
CA SER A 110 9.62 26.88 -3.56
C SER A 110 10.45 28.05 -3.04
N PHE A 111 10.72 28.10 -1.76
CA PHE A 111 11.57 29.14 -1.21
C PHE A 111 12.87 28.45 -0.83
N ASP A 112 14.00 29.10 -1.06
CA ASP A 112 15.27 28.39 -0.86
C ASP A 112 16.17 29.08 0.17
N SER A 113 17.38 28.55 0.26
CA SER A 113 18.50 28.94 1.12
C SER A 113 18.12 28.82 2.61
N SER A 114 18.71 29.64 3.47
CA SER A 114 18.45 29.53 4.89
C SER A 114 17.18 30.27 5.27
N PHE A 115 16.62 29.89 6.38
CA PHE A 115 15.51 30.75 6.76
C PHE A 115 16.03 32.00 7.44
N PRO A 116 15.46 33.18 7.15
CA PRO A 116 16.02 34.45 7.66
C PRO A 116 15.65 34.71 9.11
N PRO A 117 16.49 35.45 9.84
CA PRO A 117 16.30 35.59 11.29
C PRO A 117 15.18 36.51 11.75
N GLY A 118 14.57 37.35 10.91
CA GLY A 118 13.65 38.32 11.51
C GLY A 118 12.38 37.76 12.19
N ILE A 119 12.05 36.48 12.02
CA ILE A 119 10.68 36.02 12.28
C ILE A 119 10.14 36.43 13.65
N SER A 120 11.03 36.61 14.65
CA SER A 120 10.54 36.90 15.99
C SER A 120 9.88 38.26 16.06
N LYS A 121 10.10 39.12 15.08
CA LYS A 121 9.52 40.46 15.10
C LYS A 121 8.00 40.42 15.03
N LEU A 122 7.41 39.29 14.67
CA LEU A 122 5.95 39.23 14.61
C LEU A 122 5.50 38.73 15.97
N LYS A 123 5.14 39.65 16.87
CA LYS A 123 4.98 39.31 18.28
C LYS A 123 3.77 38.43 18.50
N PHE A 124 2.76 38.61 17.66
CA PHE A 124 1.45 38.01 17.86
C PHE A 124 1.18 36.82 16.95
N LEU A 125 2.15 36.36 16.17
CA LEU A 125 1.89 35.26 15.25
C LEU A 125 1.36 34.04 15.99
N LYS A 126 0.12 33.65 15.68
CA LYS A 126 -0.54 32.44 16.15
C LYS A 126 -0.29 31.24 15.26
N VAL A 127 -0.34 31.40 13.93
CA VAL A 127 -0.28 30.29 12.98
C VAL A 127 0.81 30.55 11.96
N PHE A 128 1.77 29.64 11.82
CA PHE A 128 2.78 29.72 10.79
C PHE A 128 2.88 28.41 10.05
N ASN A 129 2.55 28.43 8.76
CA ASN A 129 2.58 27.25 7.91
C ASN A 129 3.57 27.45 6.77
N ALA A 130 4.69 26.76 6.83
CA ALA A 130 5.70 26.74 5.77
C ALA A 130 5.75 25.41 5.01
N PHE A 131 4.72 24.56 5.12
CA PHE A 131 4.86 23.19 4.58
C PHE A 131 5.17 23.14 3.09
N SER A 132 6.09 22.25 2.73
CA SER A 132 6.49 22.00 1.34
C SER A 132 7.12 23.25 0.68
N ASN A 133 8.35 23.53 1.11
CA ASN A 133 9.20 24.48 0.45
C ASN A 133 10.58 23.90 0.22
N ASN A 134 11.52 24.72 -0.25
CA ASN A 134 12.87 24.28 -0.57
C ASN A 134 13.95 24.68 0.45
N PHE A 135 13.58 25.14 1.65
CA PHE A 135 14.55 25.65 2.63
C PHE A 135 15.66 24.63 2.92
N GLU A 136 16.86 25.13 3.25
CA GLU A 136 18.02 24.34 3.72
C GLU A 136 18.52 24.82 5.08
N GLY A 137 19.56 24.15 5.57
CA GLY A 137 20.15 24.51 6.86
C GLY A 137 19.25 24.43 8.09
N LEU A 138 19.66 25.17 9.11
CA LEU A 138 19.07 25.01 10.44
C LEU A 138 17.67 25.60 10.50
N LEU A 139 16.80 24.91 11.23
CA LEU A 139 15.54 25.49 11.62
C LEU A 139 15.80 26.81 12.34
N PRO A 140 14.99 27.84 12.10
CA PRO A 140 15.24 29.13 12.73
C PRO A 140 14.96 29.08 14.23
N SER A 141 15.93 29.49 15.04
CA SER A 141 15.76 29.49 16.48
C SER A 141 14.91 30.65 16.98
N ASP A 142 14.65 31.67 16.17
CA ASP A 142 13.82 32.78 16.62
C ASP A 142 12.42 32.34 16.93
N VAL A 143 11.95 31.27 16.28
CA VAL A 143 10.57 30.85 16.49
C VAL A 143 10.32 30.67 17.97
N SER A 144 11.34 30.24 18.71
CA SER A 144 11.20 30.01 20.14
C SER A 144 10.81 31.25 20.91
N ARG A 145 10.89 32.43 20.30
CA ARG A 145 10.48 33.67 20.93
C ARG A 145 9.05 34.06 20.64
N LEU A 146 8.27 33.23 19.93
CA LEU A 146 6.90 33.62 19.58
C LEU A 146 5.98 33.12 20.67
N ARG A 147 5.50 34.03 21.52
CA ARG A 147 4.87 33.58 22.75
C ARG A 147 3.50 32.99 22.50
N PHE A 148 2.81 33.49 21.49
CA PHE A 148 1.43 33.08 21.24
C PHE A 148 1.32 32.02 20.15
N LEU A 149 2.45 31.49 19.67
CA LEU A 149 2.42 30.58 18.53
C LEU A 149 1.66 29.32 18.90
N GLU A 150 0.70 28.95 18.05
CA GLU A 150 -0.12 27.76 18.25
C GLU A 150 0.23 26.66 17.28
N GLU A 151 0.24 26.94 15.97
CA GLU A 151 0.56 25.96 14.94
C GLU A 151 1.87 26.34 14.26
N LEU A 152 2.84 25.43 14.25
CA LEU A 152 4.11 25.63 13.58
C LEU A 152 4.36 24.48 12.62
N ASN A 153 4.49 24.78 11.32
CA ASN A 153 4.75 23.73 10.34
C ASN A 153 5.94 24.05 9.43
N PHE A 154 7.07 23.42 9.67
CA PHE A 154 8.26 23.48 8.80
C PHE A 154 8.45 22.20 8.00
N GLY A 155 7.46 21.32 7.96
CA GLY A 155 7.63 20.04 7.30
C GLY A 155 7.81 20.15 5.80
N GLY A 156 8.56 19.20 5.24
CA GLY A 156 8.58 19.07 3.80
C GLY A 156 9.52 20.00 3.09
N SER A 157 10.65 20.31 3.70
CA SER A 157 11.72 21.12 3.13
C SER A 157 12.99 20.29 3.29
N TYR A 158 14.16 20.89 3.15
CA TYR A 158 15.44 20.21 3.34
C TYR A 158 16.19 20.63 4.60
N PHE A 159 15.53 21.20 5.62
CA PHE A 159 16.19 21.62 6.87
C PHE A 159 17.09 20.51 7.42
N GLU A 160 18.25 20.91 7.97
CA GLU A 160 19.15 19.94 8.60
C GLU A 160 19.43 20.30 10.07
N GLY A 161 20.25 19.48 10.71
CA GLY A 161 20.60 19.73 12.09
C GLY A 161 19.53 19.35 13.09
N GLU A 162 19.81 19.71 14.33
CA GLU A 162 18.96 19.33 15.44
C GLU A 162 17.73 20.24 15.56
N ILE A 163 16.66 19.67 16.11
CA ILE A 163 15.48 20.46 16.44
C ILE A 163 15.92 21.40 17.54
N PRO A 164 15.77 22.71 17.42
CA PRO A 164 16.20 23.58 18.51
C PRO A 164 15.39 23.31 19.77
N ALA A 165 16.10 22.98 20.86
CA ALA A 165 15.47 22.61 22.12
C ALA A 165 14.65 23.76 22.67
N ALA A 166 15.03 24.99 22.35
CA ALA A 166 14.30 26.16 22.83
C ALA A 166 12.86 26.16 22.35
N TYR A 167 12.54 25.38 21.31
CA TYR A 167 11.15 25.24 20.89
C TYR A 167 10.27 24.80 22.05
N GLY A 168 10.83 24.03 22.99
CA GLY A 168 10.07 23.47 24.09
C GLY A 168 9.64 24.52 25.08
N GLY A 169 9.92 25.78 24.73
CA GLY A 169 9.46 26.93 25.44
C GLY A 169 8.19 27.55 24.91
N LEU A 170 7.52 26.94 23.93
CA LEU A 170 6.37 27.59 23.32
C LEU A 170 5.17 27.00 24.00
N GLN A 171 4.65 27.73 24.99
CA GLN A 171 3.66 27.15 25.88
C GLN A 171 2.24 27.40 25.46
N ARG A 172 2.02 28.13 24.37
CA ARG A 172 0.71 28.12 23.75
C ARG A 172 0.64 27.20 22.53
N LEU A 173 1.76 26.57 22.14
CA LEU A 173 1.85 25.77 20.91
C LEU A 173 1.07 24.48 21.05
N LYS A 174 0.09 24.25 20.16
CA LYS A 174 -0.64 22.99 20.09
C LYS A 174 -0.24 22.06 18.93
N PHE A 175 0.44 22.54 17.89
CA PHE A 175 0.65 21.77 16.67
C PHE A 175 2.07 21.95 16.18
N ILE A 176 2.87 20.89 16.13
CA ILE A 176 4.20 21.03 15.55
C ILE A 176 4.35 19.96 14.49
N HIS A 177 4.51 20.37 13.22
CA HIS A 177 4.80 19.46 12.12
C HIS A 177 6.20 19.82 11.60
N LEU A 178 7.18 18.99 11.91
CA LEU A 178 8.55 19.05 11.39
C LEU A 178 8.91 17.96 10.41
N ALA A 179 7.95 17.16 9.98
CA ALA A 179 8.32 15.91 9.35
C ALA A 179 8.74 16.12 7.91
N GLY A 180 9.60 15.24 7.42
CA GLY A 180 9.94 15.28 6.01
C GLY A 180 11.07 16.20 5.67
N ASN A 181 11.86 16.59 6.64
CA ASN A 181 13.12 17.25 6.42
C ASN A 181 14.26 16.23 6.54
N VAL A 182 15.48 16.74 6.61
CA VAL A 182 16.68 15.95 6.87
C VAL A 182 17.19 16.11 8.32
N LEU A 183 16.35 16.57 9.26
CA LEU A 183 16.85 16.89 10.60
C LEU A 183 17.54 15.69 11.25
N GLY A 184 18.64 15.96 11.95
CA GLY A 184 19.40 14.96 12.65
C GLY A 184 19.40 15.08 14.18
N GLY A 185 20.32 14.32 14.78
CA GLY A 185 20.61 14.46 16.19
C GLY A 185 19.59 13.80 17.08
N LYS A 186 19.83 13.88 18.37
CA LYS A 186 18.90 13.36 19.35
C LYS A 186 17.72 14.31 19.52
N LEU A 187 16.55 13.75 19.79
CA LEU A 187 15.38 14.58 19.99
C LEU A 187 15.56 15.33 21.30
N PRO A 188 15.52 16.64 21.32
CA PRO A 188 15.69 17.37 22.58
C PRO A 188 14.56 17.05 23.54
N PRO A 189 14.89 16.60 24.75
CA PRO A 189 13.85 16.28 25.73
C PRO A 189 13.04 17.48 26.12
N ARG A 190 13.62 18.68 26.03
CA ARG A 190 12.85 19.84 26.46
C ARG A 190 11.55 19.96 25.69
N LEU A 191 11.45 19.28 24.53
CA LEU A 191 10.19 19.30 23.77
C LEU A 191 9.03 18.80 24.61
N GLY A 192 9.29 17.85 25.53
CA GLY A 192 8.28 17.36 26.45
C GLY A 192 7.63 18.44 27.28
N LEU A 193 8.30 19.57 27.47
CA LEU A 193 7.72 20.60 28.31
C LEU A 193 6.60 21.38 27.60
N LEU A 194 6.32 21.12 26.32
CA LEU A 194 5.26 21.84 25.64
C LEU A 194 3.93 21.40 26.23
N THR A 195 3.23 22.30 26.92
CA THR A 195 2.11 21.91 27.77
C THR A 195 0.82 21.74 27.00
N GLU A 196 0.58 22.60 26.02
CA GLU A 196 -0.67 22.54 25.31
C GLU A 196 -0.60 21.65 24.09
N LEU A 197 0.58 21.12 23.79
CA LEU A 197 0.79 20.35 22.58
C LEU A 197 -0.18 19.19 22.50
N GLN A 198 -0.85 19.07 21.36
CA GLN A 198 -1.65 17.89 21.02
C GLN A 198 -1.09 17.11 19.84
N HIS A 199 -0.83 17.77 18.70
CA HIS A 199 -0.30 17.13 17.50
C HIS A 199 1.21 17.27 17.42
N MET A 200 1.92 16.16 17.19
CA MET A 200 3.36 16.17 16.93
C MET A 200 3.73 15.29 15.75
N GLU A 201 4.20 15.88 14.65
CA GLU A 201 4.63 15.12 13.48
C GLU A 201 6.08 15.44 13.12
N ILE A 202 6.98 14.55 13.53
CA ILE A 202 8.42 14.64 13.27
C ILE A 202 8.96 13.59 12.28
N GLY A 203 8.14 12.70 11.73
CA GLY A 203 8.78 11.58 11.04
C GLY A 203 9.59 11.82 9.78
N TYR A 204 10.17 10.78 9.21
CA TYR A 204 10.78 10.86 7.87
C TYR A 204 11.95 11.83 7.89
N ASN A 205 12.66 11.84 9.03
CA ASN A 205 13.96 12.43 9.22
C ASN A 205 14.97 11.32 9.51
N HIS A 206 16.19 11.71 9.88
CA HIS A 206 17.23 10.77 10.34
C HIS A 206 17.76 11.22 11.70
N PHE A 207 17.29 10.62 12.79
CA PHE A 207 17.58 11.09 14.14
C PHE A 207 18.58 10.17 14.83
N ASN A 208 18.79 10.41 16.12
CA ASN A 208 19.73 9.61 16.90
C ASN A 208 19.10 9.34 18.26
N GLY A 209 19.34 8.13 18.78
CA GLY A 209 18.82 7.80 20.11
C GLY A 209 17.35 7.44 20.11
N ASN A 210 16.67 7.80 21.20
CA ASN A 210 15.35 7.25 21.50
C ASN A 210 14.32 8.35 21.65
N ILE A 211 13.08 7.96 21.89
CA ILE A 211 12.06 8.89 22.35
C ILE A 211 12.44 9.19 23.80
N PRO A 212 12.61 10.45 24.15
CA PRO A 212 12.98 10.76 25.53
C PRO A 212 11.82 10.52 26.48
N SER A 213 12.17 10.03 27.68
CA SER A 213 11.17 9.73 28.71
C SER A 213 10.26 10.92 28.91
N GLU A 214 10.80 12.11 28.65
CA GLU A 214 10.15 13.35 29.03
C GLU A 214 8.95 13.64 28.15
N PHE A 215 8.83 12.96 27.00
CA PHE A 215 7.66 13.22 26.18
C PHE A 215 6.41 12.75 26.89
N ALA A 216 6.56 11.80 27.83
CA ALA A 216 5.46 11.32 28.65
C ALA A 216 4.73 12.46 29.33
N LEU A 217 5.41 13.59 29.51
CA LEU A 217 4.85 14.78 30.13
C LEU A 217 3.86 15.51 29.25
N LEU A 218 3.67 15.14 27.98
CA LEU A 218 2.83 15.97 27.13
C LEU A 218 1.41 15.52 27.43
N SER A 219 0.77 16.26 28.32
CA SER A 219 -0.47 15.78 28.91
C SER A 219 -1.55 15.67 27.86
N ASN A 220 -1.59 16.63 26.94
CA ASN A 220 -2.69 16.72 25.99
C ASN A 220 -2.37 16.14 24.64
N LEU A 221 -1.17 15.60 24.45
CA LEU A 221 -0.79 14.99 23.18
C LEU A 221 -1.85 14.00 22.74
N LYS A 222 -2.31 14.14 21.48
CA LYS A 222 -3.28 13.27 20.85
C LYS A 222 -2.65 12.44 19.74
N TYR A 223 -1.99 13.09 18.76
CA TYR A 223 -1.34 12.45 17.63
C TYR A 223 0.15 12.49 17.90
N PHE A 224 0.83 11.37 17.75
CA PHE A 224 2.29 11.33 17.87
C PHE A 224 2.84 10.46 16.74
N ASP A 225 3.53 11.07 15.78
CA ASP A 225 4.07 10.33 14.64
C ASP A 225 5.56 10.58 14.57
N VAL A 226 6.37 9.58 14.84
CA VAL A 226 7.76 9.72 14.40
C VAL A 226 8.25 8.45 13.72
N SER A 227 8.18 8.41 12.40
CA SER A 227 8.39 7.15 11.65
C SER A 227 9.49 7.35 10.63
N ASN A 228 10.30 6.30 10.41
CA ASN A 228 11.28 6.38 9.34
C ASN A 228 12.30 7.49 9.72
N ALA A 229 12.19 8.04 10.94
CA ALA A 229 13.39 8.51 11.63
C ALA A 229 14.29 7.32 11.96
N SER A 230 15.54 7.59 12.27
CA SER A 230 16.38 6.45 12.63
C SER A 230 16.35 6.14 14.14
N LEU A 231 15.31 6.58 14.86
CA LEU A 231 15.17 6.29 16.29
C LEU A 231 15.36 4.82 16.61
N SER A 232 15.94 4.53 17.78
CA SER A 232 16.22 3.15 18.17
C SER A 232 16.05 3.03 19.69
N GLY A 233 16.47 1.87 20.23
CA GLY A 233 16.49 1.67 21.67
C GLY A 233 15.17 1.21 22.26
N SER A 234 15.19 0.98 23.57
CA SER A 234 14.00 0.46 24.26
C SER A 234 12.90 1.49 24.27
N LEU A 235 11.70 0.99 24.19
CA LEU A 235 10.54 1.83 23.93
C LEU A 235 10.06 2.42 25.25
N PRO A 236 10.07 3.73 25.42
CA PRO A 236 9.85 4.32 26.76
C PRO A 236 8.51 3.94 27.35
N GLN A 237 8.55 3.41 28.57
CA GLN A 237 7.35 2.92 29.25
C GLN A 237 6.53 4.03 29.88
N GLU A 238 7.14 5.17 30.16
CA GLU A 238 6.40 6.26 30.76
C GLU A 238 5.33 6.78 29.81
N LEU A 239 5.42 6.42 28.52
CA LEU A 239 4.48 6.93 27.53
C LEU A 239 3.05 6.49 27.84
N GLY A 240 2.88 5.39 28.60
CA GLY A 240 1.55 4.92 28.96
C GLY A 240 0.73 5.98 29.66
N ASN A 241 1.40 6.99 30.22
CA ASN A 241 0.74 8.06 30.93
C ASN A 241 0.02 9.02 30.00
N LEU A 242 0.17 8.89 28.68
CA LEU A 242 -0.44 9.87 27.79
C LEU A 242 -1.86 9.38 27.56
N SER A 243 -2.80 9.95 28.32
CA SER A 243 -4.12 9.37 28.36
C SER A 243 -5.02 9.91 27.28
N ASN A 244 -4.62 11.00 26.63
CA ASN A 244 -5.39 11.54 25.54
C ASN A 244 -4.86 11.10 24.19
N LEU A 245 -3.73 10.37 24.17
CA LEU A 245 -3.13 9.94 22.91
C LEU A 245 -4.12 9.05 22.16
N GLU A 246 -4.55 9.48 20.97
CA GLU A 246 -5.28 8.57 20.10
C GLU A 246 -4.57 8.11 18.82
N THR A 247 -3.42 8.67 18.45
CA THR A 247 -2.74 8.18 17.25
C THR A 247 -1.27 8.02 17.55
N LEU A 248 -0.74 6.81 17.43
CA LEU A 248 0.66 6.59 17.78
C LEU A 248 1.31 5.85 16.63
N PHE A 249 2.17 6.53 15.87
CA PHE A 249 2.87 5.93 14.74
C PHE A 249 4.36 5.93 15.07
N LEU A 250 4.90 4.77 15.43
CA LEU A 250 6.33 4.56 15.64
C LEU A 250 6.99 3.70 14.57
N PHE A 251 6.31 3.43 13.47
CA PHE A 251 6.74 2.38 12.54
C PHE A 251 7.96 2.76 11.71
N GLN A 252 8.57 1.74 11.11
CA GLN A 252 9.79 1.88 10.31
C GLN A 252 10.91 2.53 11.12
N ASN A 253 11.20 1.95 12.28
CA ASN A 253 12.27 2.41 13.15
C ASN A 253 13.10 1.22 13.63
N GLY A 254 13.97 1.46 14.59
CA GLY A 254 14.78 0.38 15.14
C GLY A 254 14.47 0.00 16.58
N PHE A 255 13.32 0.41 17.11
CA PHE A 255 13.03 0.14 18.51
C PHE A 255 13.17 -1.35 18.80
N THR A 256 13.79 -1.66 19.94
CA THR A 256 13.99 -3.02 20.44
C THR A 256 13.32 -3.18 21.81
N GLY A 257 13.51 -4.37 22.41
CA GLY A 257 12.89 -4.66 23.69
C GLY A 257 11.43 -5.03 23.49
N GLU A 258 10.66 -4.98 24.56
CA GLU A 258 9.26 -5.38 24.51
C GLU A 258 8.33 -4.18 24.62
N ILE A 259 7.04 -4.44 24.42
CA ILE A 259 5.99 -3.43 24.49
C ILE A 259 5.66 -3.25 25.97
N PRO A 260 5.93 -2.11 26.56
CA PRO A 260 5.62 -1.95 27.99
C PRO A 260 4.16 -2.22 28.28
N GLU A 261 3.92 -3.10 29.27
CA GLU A 261 2.54 -3.39 29.67
C GLU A 261 1.81 -2.12 30.06
N SER A 262 2.55 -1.07 30.41
CA SER A 262 1.89 0.18 30.75
C SER A 262 1.06 0.73 29.60
N TYR A 263 1.33 0.31 28.36
CA TYR A 263 0.60 0.89 27.25
C TYR A 263 -0.86 0.52 27.25
N SER A 264 -1.24 -0.46 28.06
CA SER A 264 -2.65 -0.78 28.21
C SER A 264 -3.44 0.35 28.83
N ASN A 265 -2.77 1.43 29.24
CA ASN A 265 -3.43 2.60 29.79
C ASN A 265 -3.71 3.66 28.74
N LEU A 266 -3.29 3.45 27.49
CA LEU A 266 -3.52 4.53 26.54
C LEU A 266 -4.98 4.35 26.15
N LYS A 267 -5.84 5.02 26.92
CA LYS A 267 -7.24 4.67 26.89
C LYS A 267 -7.96 5.35 25.75
N SER A 268 -7.47 6.52 25.32
CA SER A 268 -8.06 7.17 24.16
C SER A 268 -7.60 6.54 22.85
N LEU A 269 -6.61 5.64 22.93
CA LEU A 269 -5.89 5.13 21.76
C LEU A 269 -6.81 4.52 20.71
N LYS A 270 -6.69 5.00 19.47
CA LYS A 270 -7.47 4.54 18.33
C LYS A 270 -6.60 3.83 17.30
N LEU A 271 -5.56 4.47 16.76
CA LEU A 271 -4.66 3.80 15.82
C LEU A 271 -3.29 3.55 16.45
N LEU A 272 -2.73 2.36 16.25
CA LEU A 272 -1.40 2.01 16.78
C LEU A 272 -0.62 1.23 15.72
N ASP A 273 0.54 1.74 15.30
CA ASP A 273 1.34 1.09 14.26
C ASP A 273 2.80 1.03 14.69
N PHE A 274 3.30 -0.18 14.96
CA PHE A 274 4.70 -0.45 15.27
C PHE A 274 5.43 -1.16 14.13
N SER A 275 4.89 -1.16 12.93
CA SER A 275 5.42 -2.00 11.86
C SER A 275 6.92 -1.84 11.72
N SER A 276 7.58 -2.93 11.42
CA SER A 276 8.91 -2.91 10.86
C SER A 276 9.89 -2.24 11.81
N ASN A 277 9.90 -2.73 13.06
CA ASN A 277 10.96 -2.58 14.07
C ASN A 277 11.54 -3.97 14.37
N GLN A 278 12.40 -4.08 15.39
CA GLN A 278 12.64 -5.40 16.01
C GLN A 278 12.20 -5.34 17.47
N LEU A 279 10.96 -5.72 17.71
CA LEU A 279 10.24 -5.40 18.94
C LEU A 279 10.05 -6.60 19.87
N SER A 280 10.82 -7.68 19.72
CA SER A 280 10.48 -9.00 20.29
C SER A 280 9.91 -8.94 21.71
N GLY A 281 8.91 -9.77 21.96
CA GLY A 281 8.08 -9.74 23.17
C GLY A 281 6.79 -10.48 22.87
N SER A 282 5.73 -10.14 23.62
CA SER A 282 4.38 -10.49 23.18
C SER A 282 3.43 -9.33 23.44
N ILE A 283 2.27 -9.38 22.82
CA ILE A 283 1.24 -8.34 22.97
C ILE A 283 0.78 -8.32 24.42
N PRO A 284 0.87 -7.19 25.12
CA PRO A 284 0.31 -7.12 26.47
C PRO A 284 -1.13 -7.60 26.53
N SER A 285 -1.39 -8.52 27.46
CA SER A 285 -2.76 -8.95 27.71
C SER A 285 -3.64 -7.76 28.08
N GLY A 286 -3.04 -6.67 28.55
CA GLY A 286 -3.79 -5.49 28.88
C GLY A 286 -4.43 -4.82 27.69
N PHE A 287 -4.04 -5.19 26.48
CA PHE A 287 -4.59 -4.51 25.31
C PHE A 287 -6.07 -4.78 25.12
N SER A 288 -6.64 -5.78 25.81
CA SER A 288 -8.10 -5.99 25.81
C SER A 288 -8.83 -4.69 26.12
N THR A 289 -8.20 -3.80 26.90
CA THR A 289 -8.86 -2.67 27.54
C THR A 289 -8.91 -1.41 26.69
N LEU A 290 -8.38 -1.45 25.46
CA LEU A 290 -8.38 -0.24 24.64
C LEU A 290 -9.67 -0.26 23.83
N LYS A 291 -10.69 0.43 24.33
CA LYS A 291 -12.01 0.16 23.81
C LYS A 291 -12.24 0.91 22.51
N ASN A 292 -11.51 2.00 22.31
CA ASN A 292 -11.63 2.81 21.10
C ASN A 292 -10.68 2.36 19.99
N LEU A 293 -9.81 1.38 20.26
CA LEU A 293 -8.80 0.92 19.32
C LEU A 293 -9.41 0.47 17.99
N THR A 294 -8.80 0.88 16.89
CA THR A 294 -9.29 0.68 15.53
C THR A 294 -8.25 0.00 14.65
N TRP A 295 -7.10 0.63 14.51
CA TRP A 295 -5.97 0.10 13.78
C TRP A 295 -5.00 -0.52 14.77
N LEU A 296 -4.66 -1.79 14.59
CA LEU A 296 -3.55 -2.38 15.34
C LEU A 296 -2.61 -3.08 14.36
N SER A 297 -1.38 -2.55 14.20
CA SER A 297 -0.41 -3.04 13.21
C SER A 297 0.93 -3.27 13.91
N LEU A 298 1.34 -4.53 14.02
CA LEU A 298 2.62 -4.98 14.58
C LEU A 298 3.55 -5.63 13.56
N ILE A 299 3.33 -5.43 12.26
CA ILE A 299 4.03 -6.14 11.18
C ILE A 299 5.54 -6.19 11.32
N SER A 300 6.16 -7.25 10.82
CA SER A 300 7.61 -7.33 10.65
C SER A 300 8.40 -6.92 11.88
N ASN A 301 7.99 -7.45 13.02
CA ASN A 301 8.78 -7.41 14.23
C ASN A 301 9.27 -8.82 14.58
N ASN A 302 9.89 -8.95 15.76
CA ASN A 302 10.28 -10.25 16.29
C ASN A 302 9.35 -10.79 17.37
N LEU A 303 8.20 -10.16 17.58
CA LEU A 303 7.22 -10.59 18.59
C LEU A 303 6.89 -12.08 18.50
N SER A 304 6.83 -12.74 19.66
CA SER A 304 6.40 -14.14 19.78
C SER A 304 5.49 -14.27 21.00
N GLY A 305 4.26 -14.64 20.77
CA GLY A 305 3.32 -14.71 21.86
C GLY A 305 2.08 -15.49 21.47
N GLU A 306 1.04 -15.31 22.26
CA GLU A 306 -0.31 -15.76 21.96
C GLU A 306 -1.18 -14.51 21.93
N VAL A 307 -2.00 -14.34 20.89
CA VAL A 307 -2.76 -13.07 20.88
C VAL A 307 -3.75 -13.10 22.04
N PRO A 308 -3.78 -12.09 22.89
CA PRO A 308 -4.76 -12.06 23.97
C PRO A 308 -6.18 -12.19 23.43
N GLU A 309 -6.97 -13.07 24.07
CA GLU A 309 -8.31 -13.34 23.57
C GLU A 309 -9.14 -12.09 23.56
N GLY A 310 -8.90 -11.17 24.49
CA GLY A 310 -9.71 -9.97 24.57
C GLY A 310 -9.75 -9.14 23.29
N ILE A 311 -8.75 -9.31 22.41
CA ILE A 311 -8.72 -8.56 21.16
C ILE A 311 -9.89 -8.95 20.28
N GLY A 312 -10.33 -10.21 20.35
CA GLY A 312 -11.56 -10.64 19.70
C GLY A 312 -12.79 -9.87 20.13
N GLU A 313 -12.78 -9.32 21.34
CA GLU A 313 -13.88 -8.54 21.86
C GLU A 313 -13.67 -7.03 21.77
N LEU A 314 -12.56 -6.58 21.19
CA LEU A 314 -12.38 -5.15 20.98
C LEU A 314 -13.53 -4.64 20.11
N PRO A 315 -14.37 -3.73 20.62
CA PRO A 315 -15.55 -3.30 19.84
C PRO A 315 -15.25 -2.60 18.54
N GLU A 316 -14.24 -1.72 18.51
CA GLU A 316 -14.04 -0.83 17.36
C GLU A 316 -12.95 -1.28 16.41
N LEU A 317 -12.32 -2.43 16.66
CA LEU A 317 -11.19 -2.88 15.86
C LEU A 317 -11.61 -3.22 14.43
N THR A 318 -10.99 -2.56 13.45
CA THR A 318 -11.30 -2.75 12.03
C THR A 318 -10.16 -3.41 11.27
N THR A 319 -8.95 -2.87 11.34
CA THR A 319 -7.82 -3.52 10.70
C THR A 319 -6.91 -4.12 11.77
N LEU A 320 -6.38 -5.32 11.49
CA LEU A 320 -5.46 -6.02 12.39
C LEU A 320 -4.34 -6.61 11.55
N PHE A 321 -3.10 -6.14 11.72
CA PHE A 321 -1.98 -6.63 10.94
C PHE A 321 -0.92 -7.20 11.88
N LEU A 322 -0.79 -8.53 11.91
CA LEU A 322 0.20 -9.20 12.74
C LEU A 322 1.33 -9.87 11.97
N TRP A 323 1.39 -9.74 10.65
CA TRP A 323 2.20 -10.68 9.88
C TRP A 323 3.71 -10.50 10.05
N ASN A 324 4.44 -11.54 9.66
CA ASN A 324 5.91 -11.62 9.66
C ASN A 324 6.52 -11.54 11.06
N ASN A 325 5.74 -11.84 12.09
CA ASN A 325 6.26 -12.21 13.40
C ASN A 325 6.33 -13.72 13.51
N ASN A 326 6.55 -14.23 14.75
CA ASN A 326 6.28 -15.64 15.05
C ASN A 326 5.33 -15.73 16.24
N PHE A 327 4.03 -15.56 15.99
CA PHE A 327 2.99 -15.75 16.98
C PHE A 327 2.60 -17.23 17.01
N THR A 328 2.03 -17.67 18.13
CA THR A 328 1.57 -19.05 18.25
C THR A 328 0.21 -19.08 18.94
N GLY A 329 -0.32 -20.29 19.10
CA GLY A 329 -1.66 -20.40 19.62
C GLY A 329 -2.68 -20.14 18.52
N VAL A 330 -3.85 -19.67 18.93
CA VAL A 330 -4.99 -19.55 18.04
C VAL A 330 -5.50 -18.11 18.04
N LEU A 331 -6.21 -17.78 16.97
CA LEU A 331 -6.85 -16.48 16.91
C LEU A 331 -7.99 -16.47 17.90
N PRO A 332 -8.32 -15.33 18.46
CA PRO A 332 -9.53 -15.26 19.30
C PRO A 332 -10.75 -15.58 18.45
N HIS A 333 -11.51 -16.57 18.88
CA HIS A 333 -12.55 -17.05 17.99
C HIS A 333 -13.75 -16.10 17.97
N LYS A 334 -13.75 -15.12 18.85
CA LYS A 334 -14.84 -14.14 18.88
C LYS A 334 -14.62 -13.04 17.85
N LEU A 335 -13.56 -13.15 17.03
CA LEU A 335 -12.91 -12.03 16.38
C LEU A 335 -13.87 -11.18 15.56
N GLY A 336 -14.40 -11.71 14.48
CA GLY A 336 -15.16 -10.78 13.66
C GLY A 336 -16.43 -10.25 14.30
N SER A 337 -16.73 -10.63 15.54
CA SER A 337 -18.08 -10.48 16.07
C SER A 337 -18.46 -9.03 16.31
N ASN A 338 -17.48 -8.12 16.39
CA ASN A 338 -17.85 -6.71 16.47
C ASN A 338 -18.51 -6.19 15.19
N GLY A 339 -18.47 -6.98 14.11
CA GLY A 339 -19.08 -6.58 12.87
C GLY A 339 -18.42 -5.39 12.24
N LYS A 340 -17.24 -5.01 12.70
CA LYS A 340 -16.50 -3.94 12.08
C LYS A 340 -15.22 -4.36 11.36
N LEU A 341 -14.80 -5.62 11.43
CA LEU A 341 -13.52 -6.03 10.85
C LEU A 341 -13.50 -5.81 9.34
N GLU A 342 -12.40 -5.22 8.84
CA GLU A 342 -12.30 -4.77 7.45
C GLU A 342 -11.15 -5.44 6.70
N THR A 343 -9.92 -5.28 7.15
CA THR A 343 -8.84 -6.11 6.64
C THR A 343 -8.19 -6.82 7.81
N MET A 344 -7.70 -8.02 7.55
CA MET A 344 -6.90 -8.75 8.53
C MET A 344 -5.80 -9.54 7.82
N ASP A 345 -4.55 -9.34 8.20
CA ASP A 345 -3.45 -10.12 7.64
C ASP A 345 -2.56 -10.62 8.77
N VAL A 346 -2.66 -11.91 9.06
CA VAL A 346 -1.87 -12.58 10.07
C VAL A 346 -0.81 -13.52 9.48
N SER A 347 -0.43 -13.37 8.21
CA SER A 347 0.30 -14.44 7.54
C SER A 347 1.70 -14.66 8.15
N ASN A 348 2.40 -15.68 7.66
CA ASN A 348 3.80 -15.96 8.00
C ASN A 348 4.07 -15.96 9.52
N ASN A 349 3.25 -16.68 10.25
CA ASN A 349 3.39 -16.92 11.69
C ASN A 349 3.41 -18.44 11.97
N SER A 350 3.29 -18.77 13.25
CA SER A 350 3.05 -20.12 13.74
C SER A 350 1.63 -20.39 14.25
N PHE A 351 0.63 -19.56 13.92
CA PHE A 351 -0.75 -19.76 14.39
C PHE A 351 -1.26 -21.18 14.11
N THR A 352 -2.10 -21.68 15.03
CA THR A 352 -2.73 -22.99 14.88
C THR A 352 -4.21 -22.85 15.18
N GLY A 353 -4.94 -23.95 15.05
CA GLY A 353 -6.36 -23.91 15.32
C GLY A 353 -7.22 -23.69 14.10
N THR A 354 -8.52 -23.52 14.36
CA THR A 354 -9.54 -23.28 13.36
C THR A 354 -9.64 -21.78 13.00
N ILE A 355 -10.02 -21.49 11.75
CA ILE A 355 -10.33 -20.10 11.36
C ILE A 355 -11.60 -19.65 12.07
N PRO A 356 -11.61 -18.50 12.74
CA PRO A 356 -12.85 -18.06 13.42
C PRO A 356 -14.02 -17.94 12.46
N SER A 357 -15.19 -18.37 12.93
CA SER A 357 -16.39 -18.39 12.10
C SER A 357 -17.03 -17.01 11.93
N SER A 358 -16.61 -16.02 12.71
CA SER A 358 -17.30 -14.75 12.80
C SER A 358 -16.67 -13.62 11.97
N LEU A 359 -15.54 -13.88 11.29
CA LEU A 359 -14.67 -12.80 10.80
C LEU A 359 -15.45 -11.76 9.99
N CYS A 360 -16.36 -12.19 9.13
CA CYS A 360 -17.17 -11.29 8.30
C CYS A 360 -18.46 -10.83 8.92
N HIS A 361 -18.64 -10.99 10.23
CA HIS A 361 -19.99 -10.87 10.79
C HIS A 361 -20.78 -9.68 10.26
N GLY A 362 -20.15 -8.52 10.04
CA GLY A 362 -20.97 -7.43 9.54
C GLY A 362 -20.96 -7.21 8.03
N ASN A 363 -20.38 -8.13 7.26
CA ASN A 363 -20.18 -7.95 5.82
C ASN A 363 -19.40 -6.70 5.46
N LYS A 364 -18.45 -6.32 6.32
CA LYS A 364 -17.49 -5.27 6.02
C LYS A 364 -16.08 -5.76 5.70
N LEU A 365 -15.78 -7.06 5.84
CA LEU A 365 -14.40 -7.55 5.72
C LEU A 365 -14.08 -7.85 4.26
N TYR A 366 -13.15 -7.09 3.66
CA TYR A 366 -12.73 -7.35 2.27
C TYR A 366 -11.35 -7.96 2.05
N LYS A 367 -10.50 -8.05 3.08
CA LYS A 367 -9.14 -8.55 2.89
C LYS A 367 -8.84 -9.50 4.03
N LEU A 368 -8.62 -10.77 3.70
CA LEU A 368 -8.33 -11.78 4.69
C LEU A 368 -7.11 -12.54 4.22
N ILE A 369 -5.98 -12.38 4.91
CA ILE A 369 -4.75 -13.03 4.52
C ILE A 369 -4.30 -13.91 5.69
N LEU A 370 -4.43 -15.24 5.53
CA LEU A 370 -4.03 -16.22 6.53
C LEU A 370 -2.79 -17.05 6.18
N PHE A 371 -2.10 -16.79 5.07
CA PHE A 371 -1.26 -17.85 4.53
C PHE A 371 -0.03 -18.10 5.41
N SER A 372 0.68 -19.19 5.11
CA SER A 372 1.94 -19.59 5.77
C SER A 372 1.80 -19.67 7.30
N ASN A 373 0.75 -20.30 7.75
CA ASN A 373 0.53 -20.64 9.15
C ASN A 373 0.31 -22.16 9.24
N MET A 374 -0.14 -22.59 10.42
CA MET A 374 -0.60 -23.96 10.72
C MET A 374 -2.13 -24.10 10.88
N PHE A 375 -2.91 -23.14 10.40
CA PHE A 375 -4.37 -23.24 10.52
C PHE A 375 -4.90 -24.59 10.03
N GLU A 376 -5.84 -25.16 10.79
CA GLU A 376 -6.38 -26.50 10.51
C GLU A 376 -7.90 -26.48 10.56
N GLY A 377 -8.49 -27.56 10.03
CA GLY A 377 -9.93 -27.71 10.00
C GLY A 377 -10.52 -27.28 8.67
N GLU A 378 -11.84 -27.22 8.63
CA GLU A 378 -12.55 -26.78 7.43
C GLU A 378 -12.69 -25.27 7.36
N LEU A 379 -12.85 -24.78 6.12
CA LEU A 379 -13.18 -23.39 5.87
C LEU A 379 -14.59 -23.06 6.32
N PRO A 380 -14.79 -22.17 7.29
CA PRO A 380 -16.14 -21.87 7.76
C PRO A 380 -17.08 -21.52 6.62
N LYS A 381 -18.24 -22.16 6.56
CA LYS A 381 -19.12 -21.85 5.45
C LYS A 381 -19.61 -20.40 5.50
N SER A 382 -19.37 -19.69 6.61
CA SER A 382 -19.74 -18.28 6.67
C SER A 382 -18.94 -17.43 5.68
N LEU A 383 -17.70 -17.83 5.38
CA LEU A 383 -16.91 -17.08 4.41
C LEU A 383 -17.61 -16.99 3.07
N THR A 384 -18.41 -17.99 2.72
CA THR A 384 -19.12 -17.96 1.44
C THR A 384 -20.31 -16.99 1.46
N ARG A 385 -20.74 -16.60 2.65
CA ARG A 385 -21.84 -15.66 2.85
C ARG A 385 -21.33 -14.25 3.10
N CYS A 386 -20.01 -14.03 2.96
CA CYS A 386 -19.42 -12.72 3.17
C CYS A 386 -19.40 -11.92 1.88
N GLU A 387 -20.30 -10.92 1.78
CA GLU A 387 -20.56 -10.35 0.47
C GLU A 387 -19.51 -9.34 0.06
N SER A 388 -18.77 -8.82 1.03
CA SER A 388 -17.72 -7.84 0.80
C SER A 388 -16.35 -8.46 0.56
N LEU A 389 -16.23 -9.79 0.57
CA LEU A 389 -14.92 -10.40 0.42
C LEU A 389 -14.37 -10.10 -0.96
N TRP A 390 -13.14 -9.64 -0.99
CA TRP A 390 -12.42 -9.16 -2.17
C TRP A 390 -11.18 -9.99 -2.44
N ARG A 391 -10.28 -10.10 -1.47
CA ARG A 391 -9.02 -10.84 -1.62
C ARG A 391 -8.84 -11.80 -0.46
N PHE A 392 -8.65 -13.10 -0.77
CA PHE A 392 -8.61 -14.17 0.23
C PHE A 392 -7.43 -15.06 -0.08
N ARG A 393 -6.39 -15.04 0.77
CA ARG A 393 -5.18 -15.84 0.52
C ARG A 393 -4.83 -16.62 1.79
N SER A 394 -5.16 -17.92 1.77
CA SER A 394 -5.01 -18.81 2.91
C SER A 394 -4.01 -19.95 2.73
N GLN A 395 -3.17 -19.91 1.70
CA GLN A 395 -2.40 -21.08 1.31
C GLN A 395 -1.35 -21.44 2.38
N ASN A 396 -0.61 -22.52 2.13
CA ASN A 396 0.43 -23.03 3.04
C ASN A 396 -0.09 -23.26 4.47
N ASN A 397 -1.20 -23.99 4.57
CA ASN A 397 -1.82 -24.34 5.85
C ASN A 397 -2.19 -25.82 5.91
N ARG A 398 -2.91 -26.20 6.97
CA ARG A 398 -3.50 -27.52 7.18
C ARG A 398 -4.98 -27.59 6.86
N LEU A 399 -5.56 -26.60 6.19
CA LEU A 399 -7.00 -26.57 6.03
C LEU A 399 -7.52 -27.85 5.36
N ASN A 400 -8.76 -28.22 5.72
CA ASN A 400 -9.28 -29.59 5.70
C ASN A 400 -10.56 -29.70 4.89
N GLY A 401 -10.99 -30.94 4.72
CA GLY A 401 -12.35 -31.12 4.28
C GLY A 401 -12.57 -30.69 2.84
N THR A 402 -13.77 -30.16 2.60
CA THR A 402 -14.16 -29.79 1.24
C THR A 402 -14.44 -28.29 1.16
N ILE A 403 -14.13 -27.70 0.01
CA ILE A 403 -14.27 -26.25 -0.10
C ILE A 403 -15.76 -25.94 -0.19
N PRO A 404 -16.28 -25.17 0.74
CA PRO A 404 -17.70 -24.79 0.73
C PRO A 404 -18.15 -24.22 -0.59
N ILE A 405 -19.45 -24.32 -0.89
CA ILE A 405 -19.90 -24.00 -2.25
C ILE A 405 -20.45 -22.57 -2.40
N GLY A 406 -20.38 -21.70 -1.40
CA GLY A 406 -20.97 -20.44 -1.85
C GLY A 406 -20.11 -19.29 -2.41
N PHE A 407 -18.90 -19.54 -2.96
CA PHE A 407 -18.01 -18.40 -3.26
C PHE A 407 -18.40 -17.67 -4.52
N GLY A 408 -18.91 -18.37 -5.55
CA GLY A 408 -19.28 -17.70 -6.78
C GLY A 408 -20.40 -16.70 -6.64
N SER A 409 -21.08 -16.67 -5.48
CA SER A 409 -22.13 -15.68 -5.25
C SER A 409 -21.56 -14.29 -5.01
N LEU A 410 -20.27 -14.20 -4.64
CA LEU A 410 -19.69 -13.00 -4.08
C LEU A 410 -19.36 -12.01 -5.18
N ARG A 411 -19.96 -10.82 -5.10
CA ARG A 411 -19.91 -9.92 -6.24
C ARG A 411 -18.54 -9.27 -6.38
N ASN A 412 -17.76 -9.22 -5.30
CA ASN A 412 -16.48 -8.55 -5.31
C ASN A 412 -15.26 -9.50 -5.34
N LEU A 413 -15.45 -10.81 -5.37
CA LEU A 413 -14.33 -11.71 -5.07
C LEU A 413 -13.41 -11.83 -6.28
N THR A 414 -12.16 -11.42 -6.09
CA THR A 414 -11.15 -11.20 -7.12
C THR A 414 -10.00 -12.19 -7.07
N PHE A 415 -9.41 -12.37 -5.89
CA PHE A 415 -8.19 -13.15 -5.71
C PHE A 415 -8.38 -14.18 -4.60
N VAL A 416 -8.19 -15.46 -4.93
CA VAL A 416 -8.35 -16.59 -4.00
C VAL A 416 -7.15 -17.53 -4.18
N ASP A 417 -6.30 -17.65 -3.14
CA ASP A 417 -5.24 -18.68 -3.10
C ASP A 417 -5.59 -19.63 -1.96
N LEU A 418 -6.07 -20.81 -2.32
CA LEU A 418 -6.33 -21.87 -1.36
C LEU A 418 -5.26 -22.97 -1.39
N SER A 419 -4.15 -22.78 -2.10
CA SER A 419 -3.24 -23.87 -2.43
C SER A 419 -2.50 -24.40 -1.18
N ASN A 420 -1.66 -25.42 -1.40
CA ASN A 420 -0.81 -26.03 -0.38
C ASN A 420 -1.55 -26.30 0.91
N ASN A 421 -2.70 -26.96 0.76
CA ASN A 421 -3.55 -27.33 1.87
C ASN A 421 -3.92 -28.79 1.81
N ARG A 422 -4.82 -29.21 2.70
CA ARG A 422 -5.28 -30.59 2.79
C ARG A 422 -6.68 -30.81 2.21
N PHE A 423 -7.25 -29.87 1.45
CA PHE A 423 -8.61 -29.99 0.92
C PHE A 423 -8.82 -31.26 0.10
N THR A 424 -10.07 -31.76 0.10
CA THR A 424 -10.43 -33.03 -0.55
C THR A 424 -11.79 -32.91 -1.24
N ASP A 425 -12.19 -34.00 -1.89
CA ASP A 425 -13.45 -34.15 -2.63
C ASP A 425 -13.59 -33.28 -3.86
N GLN A 426 -14.58 -32.39 -3.95
CA GLN A 426 -14.87 -31.78 -5.25
C GLN A 426 -14.68 -30.27 -5.25
N ILE A 427 -14.14 -29.78 -6.37
CA ILE A 427 -13.82 -28.37 -6.59
C ILE A 427 -15.11 -27.60 -6.87
N PRO A 428 -15.48 -26.66 -6.02
CA PRO A 428 -16.81 -26.03 -6.16
C PRO A 428 -17.04 -25.56 -7.57
N ALA A 429 -18.20 -25.88 -8.11
CA ALA A 429 -18.45 -25.53 -9.50
C ALA A 429 -18.82 -24.06 -9.67
N ASP A 430 -19.17 -23.36 -8.59
CA ASP A 430 -19.49 -21.96 -8.74
C ASP A 430 -18.26 -21.08 -8.86
N PHE A 431 -17.04 -21.63 -8.78
CA PHE A 431 -15.86 -20.81 -9.07
C PHE A 431 -15.93 -20.25 -10.48
N ALA A 432 -16.36 -21.05 -11.45
CA ALA A 432 -16.57 -20.54 -12.80
C ALA A 432 -17.76 -19.57 -12.92
N THR A 433 -18.62 -19.44 -11.89
CA THR A 433 -19.64 -18.39 -11.83
C THR A 433 -19.13 -17.07 -11.28
N ALA A 434 -18.01 -17.08 -10.56
CA ALA A 434 -17.58 -15.90 -9.82
C ALA A 434 -17.41 -14.73 -10.78
N PRO A 435 -18.10 -13.60 -10.55
CA PRO A 435 -18.20 -12.59 -11.61
C PRO A 435 -16.90 -11.88 -11.92
N VAL A 436 -16.13 -11.51 -10.88
CA VAL A 436 -14.87 -10.81 -11.04
C VAL A 436 -13.65 -11.68 -10.74
N LEU A 437 -13.80 -12.96 -10.43
CA LEU A 437 -12.63 -13.71 -9.98
C LEU A 437 -11.53 -13.70 -11.04
N GLN A 438 -10.40 -13.08 -10.68
CA GLN A 438 -9.20 -12.90 -11.48
C GLN A 438 -8.14 -13.99 -11.34
N TYR A 439 -7.90 -14.49 -10.12
CA TYR A 439 -6.79 -15.41 -9.86
C TYR A 439 -7.30 -16.51 -8.91
N LEU A 440 -7.22 -17.77 -9.33
CA LEU A 440 -7.63 -18.92 -8.51
C LEU A 440 -6.49 -19.93 -8.49
N ASN A 441 -5.94 -20.20 -7.31
CA ASN A 441 -4.88 -21.20 -7.18
C ASN A 441 -5.32 -22.27 -6.18
N LEU A 442 -5.63 -23.47 -6.68
CA LEU A 442 -5.97 -24.65 -5.90
C LEU A 442 -4.85 -25.67 -5.83
N SER A 443 -3.64 -25.31 -6.28
CA SER A 443 -2.56 -26.28 -6.46
C SER A 443 -2.17 -26.95 -5.12
N THR A 444 -1.53 -28.12 -5.26
CA THR A 444 -1.16 -29.06 -4.19
C THR A 444 -2.26 -29.16 -3.14
N ASN A 445 -3.35 -29.83 -3.50
CA ASN A 445 -4.40 -30.26 -2.59
C ASN A 445 -4.75 -31.69 -2.93
N PHE A 446 -5.65 -32.27 -2.13
CA PHE A 446 -5.92 -33.71 -2.19
C PHE A 446 -7.30 -34.09 -2.69
N PHE A 447 -8.11 -33.18 -3.21
CA PHE A 447 -9.36 -33.65 -3.81
C PHE A 447 -9.06 -34.56 -4.99
N HIS A 448 -9.65 -35.75 -5.02
CA HIS A 448 -9.56 -36.63 -6.19
C HIS A 448 -10.90 -36.51 -6.90
N ARG A 449 -10.94 -35.75 -7.97
CA ARG A 449 -12.17 -35.46 -8.69
C ARG A 449 -11.75 -34.79 -10.00
N LYS A 450 -12.71 -34.39 -10.82
CA LYS A 450 -12.29 -33.76 -12.06
C LYS A 450 -12.51 -32.26 -11.95
N LEU A 451 -12.01 -31.55 -12.96
CA LEU A 451 -12.19 -30.10 -12.99
C LEU A 451 -13.67 -29.81 -13.16
N PRO A 452 -14.17 -28.72 -12.56
CA PRO A 452 -15.54 -28.32 -12.87
C PRO A 452 -15.68 -28.18 -14.37
N GLU A 453 -16.81 -28.68 -14.90
CA GLU A 453 -16.96 -28.78 -16.35
C GLU A 453 -16.97 -27.40 -17.01
N ASN A 454 -17.40 -26.38 -16.27
CA ASN A 454 -17.52 -25.02 -16.80
C ASN A 454 -16.30 -24.16 -16.48
N ILE A 455 -15.22 -24.73 -15.97
CA ILE A 455 -14.12 -23.95 -15.41
C ILE A 455 -13.60 -22.91 -16.40
N TRP A 456 -13.55 -23.25 -17.69
CA TRP A 456 -13.04 -22.28 -18.63
C TRP A 456 -14.10 -21.28 -19.09
N LYS A 457 -15.30 -21.34 -18.54
CA LYS A 457 -16.30 -20.32 -18.83
C LYS A 457 -16.14 -19.11 -17.95
N ALA A 458 -15.21 -19.16 -17.01
CA ALA A 458 -15.03 -18.09 -16.04
C ALA A 458 -14.79 -16.79 -16.79
N PRO A 459 -15.57 -15.75 -16.53
CA PRO A 459 -15.51 -14.57 -17.39
C PRO A 459 -14.19 -13.81 -17.30
N ASN A 460 -13.74 -13.55 -16.08
CA ASN A 460 -12.53 -12.77 -15.82
C ASN A 460 -11.33 -13.55 -15.31
N LEU A 461 -11.38 -14.88 -15.22
CA LEU A 461 -10.26 -15.58 -14.61
C LEU A 461 -9.07 -15.55 -15.57
N GLN A 462 -7.99 -14.88 -15.13
CA GLN A 462 -6.71 -14.74 -15.83
C GLN A 462 -5.69 -15.82 -15.50
N ILE A 463 -5.56 -16.15 -14.21
CA ILE A 463 -4.58 -17.13 -13.72
C ILE A 463 -5.34 -18.20 -12.96
N PHE A 464 -5.25 -19.44 -13.45
CA PHE A 464 -5.86 -20.59 -12.80
C PHE A 464 -4.79 -21.65 -12.68
N SER A 465 -4.54 -22.12 -11.45
CA SER A 465 -3.52 -23.12 -11.19
C SER A 465 -4.11 -24.19 -10.27
N ALA A 466 -4.29 -25.38 -10.82
CA ALA A 466 -4.65 -26.61 -10.10
C ALA A 466 -3.54 -27.64 -10.01
N SER A 467 -2.30 -27.29 -10.35
CA SER A 467 -1.22 -28.26 -10.46
C SER A 467 -1.03 -29.06 -9.17
N PHE A 468 -0.67 -30.34 -9.32
CA PHE A 468 -0.29 -31.20 -8.20
C PHE A 468 -1.37 -31.25 -7.11
N SER A 469 -2.62 -31.07 -7.49
CA SER A 469 -3.75 -31.50 -6.70
C SER A 469 -4.35 -32.68 -7.44
N ASN A 470 -4.91 -33.66 -6.74
CA ASN A 470 -5.00 -34.94 -7.43
C ASN A 470 -6.24 -34.89 -8.32
N LEU A 471 -6.06 -34.58 -9.59
CA LEU A 471 -7.18 -34.37 -10.48
C LEU A 471 -7.27 -35.61 -11.35
N ILE A 472 -8.51 -35.99 -11.70
CA ILE A 472 -8.77 -37.14 -12.55
C ILE A 472 -9.69 -36.69 -13.68
N GLY A 473 -9.92 -37.59 -14.62
CA GLY A 473 -10.82 -37.30 -15.70
C GLY A 473 -10.20 -36.41 -16.77
N GLU A 474 -11.04 -36.03 -17.73
CA GLU A 474 -10.55 -35.28 -18.86
C GLU A 474 -10.49 -33.79 -18.50
N ILE A 475 -9.88 -33.05 -19.41
CA ILE A 475 -9.84 -31.59 -19.33
C ILE A 475 -11.13 -31.08 -19.97
N PRO A 476 -11.94 -30.31 -19.28
CA PRO A 476 -13.11 -29.70 -19.91
C PRO A 476 -12.71 -28.86 -21.12
N ASN A 477 -13.70 -28.52 -21.93
CA ASN A 477 -13.53 -28.22 -23.34
C ASN A 477 -13.23 -26.76 -23.72
N TYR A 478 -12.86 -25.86 -22.81
CA TYR A 478 -12.30 -24.55 -23.23
C TYR A 478 -13.28 -23.77 -24.12
N VAL A 479 -14.37 -23.31 -23.54
CA VAL A 479 -15.33 -22.68 -24.43
C VAL A 479 -15.14 -21.17 -24.42
N GLY A 480 -15.41 -20.51 -23.30
CA GLY A 480 -15.13 -19.09 -23.34
C GLY A 480 -13.65 -18.79 -23.44
N CYS A 481 -12.92 -19.20 -22.41
CA CYS A 481 -11.50 -18.93 -22.28
C CYS A 481 -11.23 -17.46 -22.60
N LYS A 482 -12.01 -16.61 -21.94
CA LYS A 482 -12.02 -15.19 -22.29
C LYS A 482 -10.74 -14.51 -21.83
N SER A 483 -10.43 -14.64 -20.55
CA SER A 483 -9.30 -13.92 -19.96
C SER A 483 -8.09 -14.77 -19.60
N PHE A 484 -8.07 -16.06 -19.84
CA PHE A 484 -7.01 -16.86 -19.22
C PHE A 484 -5.67 -16.49 -19.84
N TYR A 485 -4.69 -16.06 -19.05
CA TYR A 485 -3.33 -16.03 -19.58
C TYR A 485 -2.33 -17.00 -18.95
N ARG A 486 -2.63 -17.64 -17.81
CA ARG A 486 -1.73 -18.63 -17.23
C ARG A 486 -2.58 -19.80 -16.75
N ILE A 487 -2.28 -21.00 -17.24
CA ILE A 487 -3.02 -22.22 -16.93
C ILE A 487 -2.02 -23.26 -16.45
N GLU A 488 -2.09 -23.62 -15.17
CA GLU A 488 -1.19 -24.62 -14.57
C GLU A 488 -1.98 -25.86 -14.13
N LEU A 489 -1.93 -26.92 -14.93
CA LEU A 489 -2.57 -28.19 -14.62
C LEU A 489 -1.62 -29.35 -14.38
N GLN A 490 -0.30 -29.13 -14.36
CA GLN A 490 0.64 -30.24 -14.39
C GLN A 490 0.65 -31.03 -13.09
N GLY A 491 1.02 -32.30 -13.20
CA GLY A 491 1.19 -33.14 -12.03
C GLY A 491 -0.06 -33.84 -11.54
N ASN A 492 -1.00 -34.13 -12.42
CA ASN A 492 -2.26 -34.79 -12.10
C ASN A 492 -2.35 -36.11 -12.86
N SER A 493 -3.54 -36.70 -12.79
CA SER A 493 -3.93 -37.87 -13.53
C SER A 493 -4.78 -37.60 -14.78
N LEU A 494 -4.94 -36.35 -15.20
CA LEU A 494 -5.89 -36.04 -16.26
C LEU A 494 -5.67 -36.92 -17.48
N ASN A 495 -6.76 -37.52 -18.00
CA ASN A 495 -6.71 -38.39 -19.18
C ASN A 495 -7.49 -37.76 -20.32
N GLY A 496 -7.49 -38.44 -21.46
CA GLY A 496 -8.17 -37.95 -22.63
C GLY A 496 -7.23 -37.21 -23.55
N THR A 497 -7.80 -36.72 -24.65
CA THR A 497 -7.09 -35.87 -25.57
C THR A 497 -7.02 -34.43 -25.04
N ILE A 498 -6.05 -33.66 -25.53
CA ILE A 498 -6.06 -32.21 -25.29
C ILE A 498 -7.15 -31.57 -26.14
N PRO A 499 -8.11 -30.87 -25.56
CA PRO A 499 -9.24 -30.36 -26.34
C PRO A 499 -8.81 -29.58 -27.57
N TRP A 500 -9.43 -29.90 -28.71
CA TRP A 500 -9.07 -29.25 -29.97
C TRP A 500 -9.27 -27.73 -29.90
N ASP A 501 -10.23 -27.27 -29.11
CA ASP A 501 -10.61 -25.86 -29.14
C ASP A 501 -9.78 -25.02 -28.19
N ILE A 502 -8.65 -25.54 -27.72
CA ILE A 502 -7.73 -24.71 -26.95
C ILE A 502 -7.46 -23.41 -27.71
N GLY A 503 -7.66 -23.43 -29.03
CA GLY A 503 -7.48 -22.21 -29.81
C GLY A 503 -8.34 -21.05 -29.34
N HIS A 504 -9.44 -21.32 -28.68
CA HIS A 504 -10.33 -20.28 -28.17
C HIS A 504 -9.71 -19.44 -27.04
N CYS A 505 -8.55 -19.83 -26.49
CA CYS A 505 -7.94 -19.02 -25.43
C CYS A 505 -6.99 -18.05 -26.09
N GLU A 506 -7.47 -16.82 -26.33
CA GLU A 506 -6.71 -15.95 -27.22
C GLU A 506 -5.56 -15.29 -26.48
N LYS A 507 -5.79 -14.97 -25.22
CA LYS A 507 -4.88 -14.25 -24.36
C LYS A 507 -3.90 -15.17 -23.66
N LEU A 508 -3.89 -16.45 -24.01
CA LEU A 508 -3.05 -17.43 -23.30
C LEU A 508 -1.56 -17.16 -23.51
N LEU A 509 -0.81 -17.13 -22.39
CA LEU A 509 0.65 -16.99 -22.37
C LEU A 509 1.39 -18.27 -21.98
N SER A 510 1.11 -18.82 -20.79
CA SER A 510 1.80 -19.99 -20.25
C SER A 510 0.80 -21.13 -20.09
N LEU A 511 1.18 -22.34 -20.56
CA LEU A 511 0.32 -23.53 -20.47
C LEU A 511 1.16 -24.73 -20.02
N ASN A 512 0.91 -25.25 -18.81
CA ASN A 512 1.64 -26.41 -18.30
C ASN A 512 0.66 -27.55 -18.13
N LEU A 513 0.71 -28.52 -19.05
CA LEU A 513 -0.02 -29.78 -18.99
C LEU A 513 0.85 -30.97 -18.57
N SER A 514 2.07 -30.71 -18.09
CA SER A 514 3.07 -31.74 -17.82
C SER A 514 2.61 -32.76 -16.80
N GLN A 515 3.25 -33.93 -16.87
CA GLN A 515 3.12 -34.93 -15.83
C GLN A 515 1.65 -35.31 -15.61
N ASN A 516 1.03 -35.81 -16.68
CA ASN A 516 -0.30 -36.38 -16.66
C ASN A 516 -0.32 -37.68 -17.44
N HIS A 517 -1.51 -38.26 -17.64
CA HIS A 517 -1.68 -39.27 -18.68
C HIS A 517 -2.60 -38.66 -19.72
N LEU A 518 -2.04 -38.10 -20.78
CA LEU A 518 -2.80 -37.41 -21.81
C LEU A 518 -2.35 -37.99 -23.14
N ASN A 519 -3.27 -38.49 -23.93
CA ASN A 519 -2.90 -39.19 -25.15
C ASN A 519 -3.45 -38.46 -26.36
N GLY A 520 -3.20 -39.02 -27.55
CA GLY A 520 -3.70 -38.43 -28.78
C GLY A 520 -2.73 -37.44 -29.38
N ILE A 521 -3.19 -36.81 -30.44
CA ILE A 521 -2.34 -35.92 -31.18
C ILE A 521 -2.19 -34.59 -30.43
N ILE A 522 -1.12 -33.85 -30.72
CA ILE A 522 -0.95 -32.50 -30.18
C ILE A 522 -1.77 -31.53 -31.03
N PRO A 523 -2.78 -30.86 -30.46
CA PRO A 523 -3.67 -30.07 -31.31
C PRO A 523 -2.91 -28.93 -31.98
N TRP A 524 -3.06 -28.83 -33.30
CA TRP A 524 -2.43 -27.72 -34.02
C TRP A 524 -3.00 -26.37 -33.60
N GLU A 525 -4.21 -26.32 -33.09
CA GLU A 525 -4.81 -25.05 -32.71
C GLU A 525 -3.92 -24.27 -31.73
N ILE A 526 -2.96 -24.94 -31.07
CA ILE A 526 -2.05 -24.23 -30.18
C ILE A 526 -1.28 -23.16 -30.93
N SER A 527 -0.78 -23.50 -32.14
CA SER A 527 0.05 -22.58 -32.92
C SER A 527 -0.69 -21.35 -33.41
N THR A 528 -2.01 -21.36 -33.43
CA THR A 528 -2.80 -20.20 -33.79
C THR A 528 -3.02 -19.26 -32.63
N LEU A 529 -2.50 -19.56 -31.47
CA LEU A 529 -2.61 -18.63 -30.37
C LEU A 529 -1.67 -17.45 -30.65
N PRO A 530 -2.18 -16.23 -30.63
CA PRO A 530 -1.34 -15.09 -31.00
C PRO A 530 -0.17 -14.86 -30.05
N SER A 531 -0.40 -14.94 -28.74
CA SER A 531 0.59 -14.55 -27.74
C SER A 531 1.31 -15.73 -27.05
N ILE A 532 1.08 -16.98 -27.45
CA ILE A 532 1.50 -18.13 -26.63
C ILE A 532 3.02 -18.15 -26.48
N ALA A 533 3.48 -18.27 -25.24
CA ALA A 533 4.91 -18.25 -24.91
C ALA A 533 5.43 -19.60 -24.42
N ASP A 534 4.92 -20.08 -23.30
CA ASP A 534 5.39 -21.30 -22.65
C ASP A 534 4.36 -22.40 -22.83
N VAL A 535 4.75 -23.48 -23.49
CA VAL A 535 3.94 -24.67 -23.63
C VAL A 535 4.74 -25.84 -23.06
N ASP A 536 4.25 -26.47 -21.99
CA ASP A 536 4.88 -27.68 -21.46
C ASP A 536 3.88 -28.83 -21.53
N LEU A 537 4.09 -29.75 -22.49
CA LEU A 537 3.27 -30.94 -22.67
C LEU A 537 3.96 -32.22 -22.20
N SER A 538 5.10 -32.12 -21.53
CA SER A 538 5.98 -33.26 -21.32
C SER A 538 5.43 -34.24 -20.28
N HIS A 539 5.96 -35.48 -20.35
CA HIS A 539 5.62 -36.54 -19.41
C HIS A 539 4.16 -36.98 -19.56
N ASN A 540 3.73 -37.17 -20.81
CA ASN A 540 2.39 -37.64 -21.15
C ASN A 540 2.43 -38.85 -22.10
N LEU A 541 1.26 -39.23 -22.61
CA LEU A 541 1.10 -40.30 -23.59
C LEU A 541 0.92 -39.80 -25.02
N LEU A 542 1.18 -38.53 -25.29
CA LEU A 542 0.93 -37.91 -26.59
C LEU A 542 1.62 -38.66 -27.72
N THR A 543 0.91 -38.94 -28.80
CA THR A 543 1.44 -39.71 -29.92
C THR A 543 1.33 -38.90 -31.20
N GLY A 544 1.74 -39.50 -32.30
CA GLY A 544 1.58 -38.85 -33.59
C GLY A 544 2.65 -37.81 -33.83
N THR A 545 2.41 -36.97 -34.83
CA THR A 545 3.41 -36.06 -35.36
C THR A 545 3.20 -34.66 -34.80
N ILE A 546 4.30 -33.92 -34.68
CA ILE A 546 4.23 -32.54 -34.20
C ILE A 546 3.79 -31.61 -35.32
N PRO A 547 2.64 -30.95 -35.22
CA PRO A 547 2.10 -30.22 -36.38
C PRO A 547 3.09 -29.21 -36.90
N SER A 548 3.34 -29.23 -38.22
CA SER A 548 4.31 -28.34 -38.85
C SER A 548 3.99 -26.86 -38.64
N ASP A 549 2.72 -26.56 -38.33
CA ASP A 549 2.30 -25.21 -38.04
C ASP A 549 3.17 -24.51 -37.00
N PHE A 550 3.88 -25.25 -36.16
CA PHE A 550 4.52 -24.62 -35.02
C PHE A 550 5.78 -23.86 -35.39
N GLY A 551 6.44 -24.22 -36.50
CA GLY A 551 7.59 -23.44 -36.97
C GLY A 551 7.25 -22.07 -37.52
N SER A 552 6.01 -21.89 -37.98
CA SER A 552 5.48 -20.61 -38.41
C SER A 552 5.18 -19.68 -37.23
N SER A 553 5.30 -20.14 -36.00
CA SER A 553 4.88 -19.34 -34.86
C SER A 553 6.07 -18.57 -34.31
N LYS A 554 6.06 -17.26 -34.51
CA LYS A 554 7.16 -16.39 -34.12
C LYS A 554 7.11 -15.98 -32.65
N THR A 555 6.10 -16.42 -31.91
CA THR A 555 5.89 -15.93 -30.56
C THR A 555 6.36 -16.87 -29.45
N ILE A 556 6.79 -18.10 -29.77
CA ILE A 556 6.80 -19.18 -28.79
C ILE A 556 8.23 -19.48 -28.36
N THR A 557 8.43 -19.58 -27.05
CA THR A 557 9.74 -19.61 -26.40
C THR A 557 10.12 -20.98 -25.84
N THR A 558 9.35 -21.51 -24.90
CA THR A 558 9.53 -22.84 -24.35
C THR A 558 8.46 -23.76 -24.92
N PHE A 559 8.85 -24.80 -25.65
CA PHE A 559 7.91 -25.83 -26.06
C PHE A 559 8.43 -27.20 -25.64
N ASN A 560 8.00 -27.72 -24.49
CA ASN A 560 8.64 -28.91 -23.93
C ASN A 560 7.73 -30.12 -24.12
N VAL A 561 8.12 -30.99 -25.07
CA VAL A 561 7.38 -32.17 -25.49
C VAL A 561 8.02 -33.48 -25.01
N SER A 562 9.04 -33.40 -24.15
CA SER A 562 9.85 -34.57 -23.83
C SER A 562 9.06 -35.62 -23.05
N TYR A 563 9.56 -36.86 -23.08
CA TYR A 563 9.00 -37.99 -22.34
C TYR A 563 7.56 -38.30 -22.74
N ASN A 564 7.17 -37.89 -23.93
CA ASN A 564 6.04 -38.45 -24.66
C ASN A 564 6.57 -39.55 -25.58
N GLN A 565 5.70 -40.07 -26.45
CA GLN A 565 6.17 -40.85 -27.59
C GLN A 565 5.52 -40.24 -28.80
N LEU A 566 6.28 -39.44 -29.54
CA LEU A 566 5.85 -38.85 -30.79
C LEU A 566 6.73 -39.42 -31.89
N ILE A 567 6.43 -39.03 -33.12
CA ILE A 567 7.20 -39.52 -34.26
C ILE A 567 7.31 -38.42 -35.30
N GLY A 568 8.07 -38.68 -36.36
CA GLY A 568 8.17 -37.78 -37.47
C GLY A 568 9.09 -36.61 -37.22
N PRO A 569 9.32 -35.80 -38.25
CA PRO A 569 10.24 -34.67 -38.14
C PRO A 569 9.79 -33.62 -37.12
N ILE A 570 10.78 -32.98 -36.50
CA ILE A 570 10.62 -31.82 -35.62
C ILE A 570 10.41 -30.59 -36.49
N PRO A 571 9.44 -29.74 -36.18
CA PRO A 571 9.20 -28.57 -37.02
C PRO A 571 10.47 -27.74 -37.17
N SER A 572 10.78 -27.40 -38.41
CA SER A 572 11.82 -26.42 -38.71
C SER A 572 11.19 -25.04 -38.82
N GLY A 573 11.82 -24.08 -38.22
CA GLY A 573 11.18 -22.80 -38.02
C GLY A 573 11.81 -22.15 -36.81
N SER A 574 11.01 -21.32 -36.14
CA SER A 574 11.44 -20.76 -34.85
C SER A 574 11.95 -21.86 -33.92
N PHE A 575 11.46 -23.09 -34.11
CA PHE A 575 11.92 -24.26 -33.38
C PHE A 575 13.38 -24.60 -33.62
N ALA A 576 14.04 -23.94 -34.59
CA ALA A 576 15.38 -24.33 -34.98
C ALA A 576 16.36 -24.16 -33.82
N HIS A 577 16.27 -23.05 -33.11
CA HIS A 577 17.23 -22.74 -32.06
C HIS A 577 16.73 -23.14 -30.66
N LEU A 578 15.60 -23.84 -30.60
CA LEU A 578 15.00 -24.29 -29.34
C LEU A 578 15.88 -25.31 -28.61
N ASN A 579 15.79 -25.28 -27.28
CA ASN A 579 16.61 -26.14 -26.41
C ASN A 579 16.37 -27.61 -26.77
N PRO A 580 17.37 -28.34 -27.24
CA PRO A 580 17.11 -29.70 -27.75
C PRO A 580 16.68 -30.68 -26.65
N SER A 581 16.86 -30.31 -25.39
CA SER A 581 16.26 -31.03 -24.28
C SER A 581 14.76 -31.23 -24.44
N PHE A 582 14.10 -30.34 -25.19
CA PHE A 582 12.66 -30.34 -25.32
C PHE A 582 12.10 -31.54 -26.08
N PHE A 583 12.90 -32.16 -26.95
CA PHE A 583 12.47 -33.30 -27.76
C PHE A 583 12.98 -34.66 -27.28
N SER A 584 13.64 -34.73 -26.11
CA SER A 584 14.24 -35.97 -25.65
C SER A 584 13.20 -36.96 -25.16
N SER A 585 13.57 -38.25 -25.15
CA SER A 585 12.79 -39.39 -24.69
C SER A 585 11.62 -39.70 -25.61
N ASN A 586 11.48 -38.95 -26.70
CA ASN A 586 10.65 -39.32 -27.82
C ASN A 586 11.51 -40.03 -28.86
N GLU A 587 11.37 -41.35 -28.95
CA GLU A 587 12.32 -42.12 -29.72
C GLU A 587 11.99 -42.14 -31.20
N GLY A 588 10.81 -41.69 -31.58
CA GLY A 588 10.43 -41.62 -32.97
C GLY A 588 10.59 -40.23 -33.57
N LEU A 589 11.00 -39.27 -32.75
CA LEU A 589 11.21 -37.94 -33.28
C LEU A 589 12.41 -37.97 -34.21
N CYS A 590 12.43 -37.01 -35.10
CA CYS A 590 13.31 -36.99 -36.26
C CYS A 590 13.79 -35.56 -36.46
N GLY A 591 15.06 -35.39 -36.79
CA GLY A 591 15.49 -34.12 -37.31
C GLY A 591 16.89 -33.74 -36.88
N ASP A 592 17.23 -32.48 -37.18
CA ASP A 592 18.59 -32.00 -36.92
C ASP A 592 18.85 -31.90 -35.42
N LEU A 593 17.87 -31.43 -34.65
CA LEU A 593 18.11 -31.14 -33.24
C LEU A 593 18.47 -32.41 -32.47
N VAL A 594 17.74 -33.50 -32.69
CA VAL A 594 18.00 -34.72 -31.95
C VAL A 594 19.13 -35.54 -32.56
N GLY A 595 19.76 -35.04 -33.61
CA GLY A 595 20.89 -35.73 -34.22
C GLY A 595 20.55 -37.08 -34.79
N LYS A 596 19.38 -37.20 -35.43
CA LYS A 596 19.04 -38.35 -36.26
C LYS A 596 18.28 -37.79 -37.46
N PRO A 597 18.98 -37.27 -38.46
CA PRO A 597 18.27 -36.61 -39.58
C PRO A 597 17.30 -37.55 -40.28
N CYS A 598 16.40 -36.94 -41.04
CA CYS A 598 15.12 -37.54 -41.37
C CYS A 598 15.18 -38.39 -42.64
N ASN A 599 14.51 -39.53 -42.59
CA ASN A 599 14.22 -40.28 -43.81
C ASN A 599 13.48 -39.38 -44.80
N SER A 600 14.04 -39.22 -45.99
CA SER A 600 13.39 -38.47 -47.05
C SER A 600 12.98 -39.44 -48.15
N ASP A 601 11.67 -39.51 -48.41
CA ASP A 601 11.05 -40.44 -49.36
C ASP A 601 9.75 -39.82 -49.86
N SER A 602 8.93 -40.65 -50.50
CA SER A 602 7.55 -40.28 -50.83
C SER A 602 6.69 -40.33 -49.57
N GLY A 603 6.46 -41.52 -49.01
CA GLY A 603 5.67 -41.66 -47.81
C GLY A 603 6.37 -41.05 -46.60
N LEU A 604 5.74 -40.05 -45.99
CA LEU A 604 6.10 -39.57 -44.65
C LEU A 604 4.87 -39.59 -43.76
N GLU A 605 5.09 -39.28 -42.50
CA GLU A 605 4.06 -39.27 -41.49
C GLU A 605 3.35 -37.91 -41.37
N VAL A 606 3.80 -36.89 -42.11
CA VAL A 606 3.35 -35.52 -41.87
C VAL A 606 2.20 -35.21 -42.85
N LEU A 607 1.58 -34.02 -42.73
CA LEU A 607 0.32 -33.64 -43.42
C LEU A 607 -0.82 -34.60 -43.08
N HIS B 1 8.29 19.70 -0.85
CA HIS B 1 8.01 18.38 -1.41
C HIS B 1 6.91 17.68 -0.63
N GLU B 2 6.47 16.51 -1.08
CA GLU B 2 5.43 15.77 -0.38
C GLU B 2 6.07 14.96 0.74
N VAL B 3 5.38 14.88 1.88
CA VAL B 3 5.83 13.98 2.95
C VAL B 3 4.67 13.06 3.23
N SER B 5 2.00 10.79 5.44
CA SER B 5 1.35 10.81 6.74
C SER B 5 0.52 9.56 6.91
N GLY B 6 0.03 9.35 8.12
CA GLY B 6 -0.85 8.22 8.39
C GLY B 6 -0.08 6.92 8.50
N ASN B 8 1.53 3.09 8.16
CA ASN B 8 2.32 2.28 7.23
C ASN B 8 1.47 1.39 6.34
N PRO B 9 1.40 1.67 5.06
CA PRO B 9 0.56 0.87 4.16
C PRO B 9 1.27 -0.30 3.44
N ILE B 10 2.05 -1.10 4.17
CA ILE B 10 2.59 -2.30 3.53
C ILE B 10 1.43 -3.26 3.33
N SER B 11 1.42 -4.03 2.24
CA SER B 11 0.30 -4.95 2.10
C SER B 11 0.67 -6.28 1.42
N ASN B 12 -0.26 -7.24 1.58
CA ASN B 12 -0.28 -8.60 1.00
C ASN B 12 -1.70 -8.96 0.39
#